data_1H6U
#
_entry.id   1H6U
#
_cell.length_a   57.481
_cell.length_b   100.682
_cell.length_c   119.931
_cell.angle_alpha   90.00
_cell.angle_beta   90.00
_cell.angle_gamma   90.00
#
_symmetry.space_group_name_H-M   'I 21 21 21'
#
loop_
_entity.id
_entity.type
_entity.pdbx_description
1 polymer 'INTERNALIN H'
2 water water
#
_entity_poly.entity_id   1
_entity_poly.type   'polypeptide(L)'
_entity_poly.pdbx_seq_one_letter_code
;GSITQPTAINVIFPDPALANAIKIAAGKSNVTDTVTQADLDGITTLSAFGTGVTTIEGVQYLNNLIGLELKDNQITDLAP
LKNLTKITELELSGNPLKNVSAIAGLQSIKTLDLTSTQITDVTPLAGLSNLQVLYLDLNQITNISPLAGLTNLQYLSIGN
AQVSDLTPLANLSKLTTLKADDNKISDISPLASLPNLIEVHLKNNQISDVSPLANTSNLFIVTLTNQTITNQPVFYNNNL
VVPNVVKGPSGAPIAPATISDNGTYASPNLTWNLTSFINNVSYTFNQSVTFKNTTVPFSGTVTQPLTE
;
_entity_poly.pdbx_strand_id   A
#
# COMPACT_ATOMS: atom_id res chain seq x y z
N GLY A 1 -4.31 -32.29 13.27
CA GLY A 1 -5.27 -33.27 13.95
C GLY A 1 -6.65 -32.68 14.28
N SER A 2 -7.36 -33.29 15.23
CA SER A 2 -8.65 -32.73 15.56
C SER A 2 -8.83 -32.79 17.05
N ILE A 3 -9.77 -32.01 17.59
CA ILE A 3 -10.16 -32.15 18.99
C ILE A 3 -10.99 -33.46 19.12
N THR A 4 -10.35 -34.50 19.65
CA THR A 4 -10.98 -35.85 19.90
C THR A 4 -12.22 -35.92 20.80
N GLN A 5 -12.10 -35.20 21.90
CA GLN A 5 -13.15 -35.21 22.86
C GLN A 5 -13.42 -33.81 23.29
N PRO A 6 -14.54 -33.58 23.90
CA PRO A 6 -14.89 -32.23 24.34
C PRO A 6 -13.75 -31.72 25.19
N THR A 7 -13.28 -30.52 24.90
CA THR A 7 -12.18 -29.97 25.66
C THR A 7 -12.50 -28.50 26.00
N ALA A 8 -12.06 -28.04 27.15
CA ALA A 8 -12.26 -26.66 27.56
C ALA A 8 -11.71 -25.72 26.52
N ILE A 9 -12.48 -24.68 26.24
CA ILE A 9 -12.06 -23.67 25.28
C ILE A 9 -10.65 -23.18 25.61
N ASN A 10 -10.42 -22.85 26.89
CA ASN A 10 -9.19 -22.22 27.24
C ASN A 10 -8.04 -23.22 27.45
N VAL A 11 -8.28 -24.49 27.19
CA VAL A 11 -7.25 -25.46 27.03
C VAL A 11 -6.81 -25.50 25.55
N ILE A 12 -7.72 -25.37 24.60
CA ILE A 12 -7.35 -25.32 23.19
C ILE A 12 -6.78 -23.92 22.84
N PHE A 13 -7.30 -22.86 23.45
CA PHE A 13 -6.88 -21.51 23.12
C PHE A 13 -6.20 -20.89 24.33
N PRO A 14 -4.89 -20.98 24.42
CA PRO A 14 -4.19 -20.49 25.64
C PRO A 14 -4.21 -18.98 25.88
N ASP A 15 -4.39 -18.22 24.82
CA ASP A 15 -4.57 -16.79 24.92
C ASP A 15 -5.90 -16.47 25.61
N PRO A 16 -5.87 -15.80 26.74
CA PRO A 16 -7.13 -15.54 27.42
C PRO A 16 -8.13 -14.61 26.68
N ALA A 17 -7.67 -13.63 25.93
CA ALA A 17 -8.54 -12.77 25.16
C ALA A 17 -9.10 -13.56 23.98
N LEU A 18 -8.26 -14.33 23.32
CA LEU A 18 -8.77 -15.14 22.21
C LEU A 18 -9.78 -16.18 22.66
N ALA A 19 -9.53 -16.80 23.83
CA ALA A 19 -10.42 -17.77 24.40
C ALA A 19 -11.81 -17.21 24.64
N ASN A 20 -11.85 -15.97 25.18
CA ASN A 20 -13.15 -15.33 25.33
C ASN A 20 -13.78 -15.02 23.96
N ALA A 21 -12.99 -14.80 22.93
CA ALA A 21 -13.60 -14.55 21.63
C ALA A 21 -14.22 -15.83 21.06
N ILE A 22 -13.53 -16.92 21.35
CA ILE A 22 -14.02 -18.24 20.92
C ILE A 22 -15.25 -18.60 21.74
N LYS A 23 -15.21 -18.31 23.03
CA LYS A 23 -16.37 -18.56 23.87
C LYS A 23 -17.62 -17.88 23.29
N ILE A 24 -17.50 -16.63 22.90
CA ILE A 24 -18.65 -15.93 22.36
C ILE A 24 -19.04 -16.57 20.99
N ALA A 25 -18.04 -16.80 20.15
CA ALA A 25 -18.30 -17.30 18.80
C ALA A 25 -18.95 -18.64 18.90
N ALA A 26 -18.62 -19.42 19.95
CA ALA A 26 -19.17 -20.78 20.11
C ALA A 26 -20.50 -20.83 20.82
N GLY A 27 -20.87 -19.68 21.37
CA GLY A 27 -22.14 -19.56 22.10
C GLY A 27 -22.13 -20.15 23.49
N LYS A 28 -20.97 -20.20 24.11
CA LYS A 28 -20.79 -20.74 25.45
C LYS A 28 -20.76 -19.56 26.48
N SER A 29 -20.92 -19.87 27.74
CA SER A 29 -21.02 -18.81 28.75
C SER A 29 -19.76 -18.64 29.57
N ASN A 30 -18.82 -19.55 29.47
CA ASN A 30 -17.56 -19.52 30.22
C ASN A 30 -16.41 -20.09 29.41
N VAL A 31 -15.22 -19.47 29.49
CA VAL A 31 -14.03 -20.01 28.76
C VAL A 31 -13.61 -21.41 29.22
N THR A 32 -14.12 -21.85 30.35
CA THR A 32 -13.81 -23.19 30.80
C THR A 32 -14.77 -24.20 30.15
N ASP A 33 -15.84 -23.75 29.53
CA ASP A 33 -16.84 -24.69 28.96
C ASP A 33 -16.19 -25.56 27.89
N THR A 34 -16.61 -26.82 27.78
CA THR A 34 -16.04 -27.66 26.71
C THR A 34 -16.65 -27.36 25.37
N VAL A 35 -15.84 -27.57 24.36
CA VAL A 35 -16.35 -27.55 23.01
C VAL A 35 -15.86 -28.83 22.32
N THR A 36 -16.60 -29.21 21.30
CA THR A 36 -16.21 -30.31 20.43
C THR A 36 -15.64 -29.82 19.10
N GLN A 37 -15.11 -30.73 18.32
CA GLN A 37 -14.67 -30.36 16.99
C GLN A 37 -15.84 -29.85 16.15
N ALA A 38 -17.03 -30.40 16.31
CA ALA A 38 -18.22 -29.87 15.65
C ALA A 38 -18.42 -28.42 15.95
N ASP A 39 -18.27 -28.10 17.22
CA ASP A 39 -18.44 -26.71 17.65
C ASP A 39 -17.44 -25.86 16.86
N LEU A 40 -16.19 -26.29 16.92
CA LEU A 40 -15.12 -25.51 16.31
C LEU A 40 -15.31 -25.36 14.79
N ASP A 41 -15.73 -26.45 14.14
CA ASP A 41 -16.07 -26.40 12.73
C ASP A 41 -17.27 -25.51 12.42
N GLY A 42 -18.02 -25.07 13.43
CA GLY A 42 -19.12 -24.14 13.13
C GLY A 42 -18.70 -22.68 13.20
N ILE A 43 -17.44 -22.40 13.59
CA ILE A 43 -16.96 -21.03 13.70
C ILE A 43 -16.38 -20.54 12.36
N THR A 44 -17.02 -19.58 11.75
CA THR A 44 -16.61 -19.06 10.47
C THR A 44 -15.92 -17.71 10.52
N THR A 45 -16.16 -16.96 11.58
CA THR A 45 -15.42 -15.71 11.79
C THR A 45 -14.98 -15.58 13.25
N LEU A 46 -13.83 -14.94 13.42
CA LEU A 46 -13.28 -14.72 14.74
C LEU A 46 -12.69 -13.34 14.76
N SER A 47 -13.15 -12.49 15.67
CA SER A 47 -12.72 -11.10 15.70
C SER A 47 -12.31 -10.66 17.10
N ALA A 48 -11.22 -9.94 17.22
CA ALA A 48 -10.78 -9.54 18.56
C ALA A 48 -9.83 -8.33 18.48
N PHE A 49 -10.33 -7.27 17.89
CA PHE A 49 -9.62 -6.00 17.72
C PHE A 49 -9.25 -5.49 19.12
N GLY A 50 -8.00 -5.06 19.32
CA GLY A 50 -7.68 -4.29 20.53
C GLY A 50 -7.94 -5.01 21.84
N THR A 51 -7.67 -6.33 21.88
CA THR A 51 -7.99 -7.11 23.09
C THR A 51 -6.74 -7.71 23.70
N GLY A 52 -5.57 -7.35 23.22
CA GLY A 52 -4.34 -7.81 23.81
C GLY A 52 -3.94 -9.23 23.51
N VAL A 53 -4.38 -9.73 22.37
CA VAL A 53 -4.04 -11.07 21.96
C VAL A 53 -2.55 -11.17 21.71
N THR A 54 -1.92 -12.20 22.25
CA THR A 54 -0.51 -12.43 22.01
C THR A 54 -0.21 -13.73 21.20
N THR A 55 -1.15 -14.64 21.20
CA THR A 55 -1.01 -15.90 20.49
C THR A 55 -2.32 -16.36 19.92
N ILE A 56 -2.21 -16.93 18.73
CA ILE A 56 -3.33 -17.49 17.99
C ILE A 56 -3.29 -19.03 18.04
N GLU A 57 -2.47 -19.55 18.91
CA GLU A 57 -2.53 -21.00 19.20
C GLU A 57 -3.97 -21.47 19.43
N GLY A 58 -4.35 -22.54 18.71
CA GLY A 58 -5.69 -23.03 18.69
C GLY A 58 -6.45 -22.82 17.41
N VAL A 59 -6.15 -21.75 16.70
CA VAL A 59 -6.93 -21.43 15.52
C VAL A 59 -6.75 -22.56 14.46
N GLN A 60 -5.68 -23.33 14.57
CA GLN A 60 -5.51 -24.48 13.63
C GLN A 60 -6.65 -25.49 13.64
N TYR A 61 -7.52 -25.49 14.67
CA TYR A 61 -8.73 -26.34 14.72
C TYR A 61 -9.96 -25.72 14.11
N LEU A 62 -9.91 -24.45 13.67
CA LEU A 62 -11.07 -23.77 13.07
C LEU A 62 -11.07 -24.08 11.55
N ASN A 63 -11.36 -25.35 11.21
CA ASN A 63 -11.26 -25.74 9.84
C ASN A 63 -12.08 -24.88 8.90
N ASN A 64 -13.22 -24.42 9.31
CA ASN A 64 -14.11 -23.70 8.44
C ASN A 64 -14.00 -22.18 8.54
N LEU A 65 -12.89 -21.71 9.08
CA LEU A 65 -12.76 -20.26 9.34
C LEU A 65 -12.62 -19.53 8.04
N ILE A 66 -13.44 -18.51 7.89
CA ILE A 66 -13.39 -17.68 6.68
C ILE A 66 -12.76 -16.33 6.96
N GLY A 67 -13.05 -15.77 8.13
CA GLY A 67 -12.51 -14.43 8.43
C GLY A 67 -11.88 -14.37 9.80
N LEU A 68 -10.66 -13.79 9.87
CA LEU A 68 -9.98 -13.68 11.14
C LEU A 68 -9.60 -12.20 11.24
N GLU A 69 -10.11 -11.51 12.26
CA GLU A 69 -9.87 -10.08 12.36
C GLU A 69 -9.27 -9.79 13.69
N LEU A 70 -7.95 -9.49 13.70
CA LEU A 70 -7.17 -9.36 14.91
C LEU A 70 -6.30 -8.06 14.93
N LYS A 71 -6.90 -6.99 14.50
CA LYS A 71 -6.23 -5.72 14.45
C LYS A 71 -5.79 -5.18 15.80
N ASP A 72 -4.59 -4.62 15.87
CA ASP A 72 -4.05 -3.98 17.02
C ASP A 72 -3.95 -4.91 18.24
N ASN A 73 -3.18 -5.96 18.06
CA ASN A 73 -2.83 -6.91 19.06
C ASN A 73 -1.29 -7.04 19.10
N GLN A 74 -0.76 -8.05 19.76
CA GLN A 74 0.68 -8.29 19.93
C GLN A 74 1.08 -9.65 19.39
N ILE A 75 0.48 -10.03 18.28
CA ILE A 75 0.74 -11.34 17.69
C ILE A 75 2.08 -11.36 16.93
N THR A 76 2.89 -12.38 17.14
CA THR A 76 4.18 -12.49 16.48
C THR A 76 4.36 -13.77 15.67
N ASP A 77 3.52 -14.74 15.86
CA ASP A 77 3.71 -16.04 15.26
C ASP A 77 2.46 -16.53 14.55
N LEU A 78 2.57 -16.70 13.24
CA LEU A 78 1.43 -17.06 12.46
C LEU A 78 1.38 -18.50 12.03
N ALA A 79 2.21 -19.30 12.64
CA ALA A 79 2.15 -20.73 12.34
C ALA A 79 0.80 -21.39 12.45
N PRO A 80 0.00 -21.06 13.46
CA PRO A 80 -1.32 -21.68 13.61
C PRO A 80 -2.28 -21.53 12.36
N LEU A 81 -1.98 -20.61 11.45
CA LEU A 81 -2.77 -20.36 10.25
C LEU A 81 -2.37 -21.24 9.10
N LYS A 82 -1.23 -21.92 9.21
CA LYS A 82 -0.58 -22.56 8.05
C LYS A 82 -1.44 -23.52 7.27
N ASN A 83 -2.32 -24.25 7.93
CA ASN A 83 -3.10 -25.30 7.27
C ASN A 83 -4.54 -24.92 7.09
N LEU A 84 -4.87 -23.63 7.30
CA LEU A 84 -6.25 -23.19 7.07
C LEU A 84 -6.52 -23.02 5.55
N THR A 85 -7.70 -23.38 5.09
CA THR A 85 -7.93 -23.45 3.67
C THR A 85 -9.22 -22.81 3.20
N LYS A 86 -10.00 -22.31 4.11
CA LYS A 86 -11.21 -21.60 3.78
C LYS A 86 -11.11 -20.07 4.10
N ILE A 87 -9.99 -19.66 4.64
CA ILE A 87 -9.85 -18.24 5.08
C ILE A 87 -9.80 -17.29 3.88
N THR A 88 -10.77 -16.37 3.78
CA THR A 88 -10.74 -15.43 2.68
C THR A 88 -10.41 -14.02 3.11
N GLU A 89 -10.54 -13.73 4.41
CA GLU A 89 -10.28 -12.38 4.89
C GLU A 89 -9.41 -12.49 6.08
N LEU A 90 -8.25 -11.81 6.05
CA LEU A 90 -7.27 -11.84 7.13
C LEU A 90 -6.83 -10.43 7.45
N GLU A 91 -7.15 -10.02 8.65
CA GLU A 91 -6.91 -8.63 9.17
C GLU A 91 -5.91 -8.75 10.32
N LEU A 92 -4.67 -8.36 10.08
CA LEU A 92 -3.64 -8.44 11.07
C LEU A 92 -2.97 -7.14 11.28
N SER A 93 -3.64 -6.07 10.90
CA SER A 93 -3.10 -4.74 11.08
C SER A 93 -2.63 -4.49 12.50
N GLY A 94 -1.50 -3.79 12.62
CA GLY A 94 -0.99 -3.40 13.92
C GLY A 94 -0.54 -4.52 14.86
N ASN A 95 0.06 -5.56 14.29
CA ASN A 95 0.71 -6.62 15.02
C ASN A 95 2.16 -6.63 14.66
N PRO A 96 3.06 -6.93 15.59
CA PRO A 96 4.50 -6.96 15.30
C PRO A 96 4.92 -8.25 14.58
N LEU A 97 4.40 -8.43 13.38
CA LEU A 97 4.65 -9.63 12.63
C LEU A 97 6.09 -9.80 12.16
N LYS A 98 6.66 -8.75 11.65
CA LYS A 98 8.01 -8.71 11.07
C LYS A 98 8.19 -9.44 9.75
N ASN A 99 7.51 -10.55 9.58
CA ASN A 99 7.45 -11.24 8.27
C ASN A 99 6.18 -11.99 8.13
N VAL A 100 5.76 -12.32 6.90
CA VAL A 100 4.54 -13.05 6.70
C VAL A 100 4.76 -14.32 5.89
N SER A 101 5.97 -14.87 6.04
CA SER A 101 6.27 -16.15 5.40
C SER A 101 5.21 -17.19 5.60
N ALA A 102 4.64 -17.28 6.81
CA ALA A 102 3.62 -18.29 7.15
C ALA A 102 2.35 -18.29 6.35
N ILE A 103 2.00 -17.15 5.70
CA ILE A 103 0.78 -17.13 4.95
C ILE A 103 0.91 -17.47 3.47
N ALA A 104 2.10 -17.80 3.03
CA ALA A 104 2.36 -18.04 1.59
C ALA A 104 1.53 -19.07 0.90
N GLY A 105 1.14 -20.12 1.63
CA GLY A 105 0.37 -21.15 1.03
C GLY A 105 -1.09 -20.93 1.18
N LEU A 106 -1.51 -19.81 1.81
CA LEU A 106 -2.94 -19.59 2.04
C LEU A 106 -3.68 -19.02 0.83
N GLN A 107 -3.86 -19.85 -0.19
CA GLN A 107 -4.32 -19.36 -1.48
C GLN A 107 -5.74 -18.92 -1.54
N SER A 108 -6.52 -19.38 -0.61
CA SER A 108 -7.90 -18.91 -0.47
C SER A 108 -8.10 -17.38 -0.16
N ILE A 109 -7.09 -16.74 0.30
CA ILE A 109 -7.25 -15.37 0.81
C ILE A 109 -7.58 -14.39 -0.29
N LYS A 110 -8.63 -13.58 -0.07
CA LYS A 110 -9.05 -12.60 -1.02
C LYS A 110 -8.80 -11.19 -0.51
N THR A 111 -8.78 -11.04 0.79
CA THR A 111 -8.69 -9.69 1.41
C THR A 111 -7.72 -9.80 2.52
N LEU A 112 -6.68 -8.93 2.54
CA LEU A 112 -5.62 -9.05 3.47
C LEU A 112 -5.13 -7.70 3.90
N ASP A 113 -5.18 -7.47 5.17
CA ASP A 113 -4.73 -6.23 5.76
C ASP A 113 -3.50 -6.45 6.64
N LEU A 114 -2.36 -5.90 6.16
CA LEU A 114 -1.03 -6.02 6.80
C LEU A 114 -0.51 -4.66 7.15
N THR A 115 -1.43 -3.70 7.24
CA THR A 115 -1.00 -2.37 7.66
C THR A 115 -0.16 -2.38 8.93
N SER A 116 0.92 -1.58 9.04
CA SER A 116 1.62 -1.52 10.30
C SER A 116 1.88 -2.88 10.95
N THR A 117 2.59 -3.74 10.19
CA THR A 117 2.96 -5.08 10.73
C THR A 117 4.46 -5.29 10.79
N GLN A 118 5.19 -4.20 10.70
CA GLN A 118 6.65 -4.26 10.71
C GLN A 118 7.32 -5.18 9.67
N ILE A 119 6.65 -5.38 8.54
CA ILE A 119 7.17 -6.23 7.48
C ILE A 119 7.98 -5.39 6.45
N THR A 120 8.84 -6.04 5.68
CA THR A 120 9.66 -5.35 4.67
C THR A 120 9.56 -6.12 3.33
N ASP A 121 9.32 -7.33 3.47
CA ASP A 121 9.24 -8.18 2.23
C ASP A 121 7.86 -8.77 1.98
N VAL A 122 7.35 -8.61 0.75
CA VAL A 122 6.09 -9.20 0.42
C VAL A 122 6.19 -10.42 -0.52
N THR A 123 7.41 -11.00 -0.67
CA THR A 123 7.61 -12.21 -1.42
C THR A 123 6.60 -13.21 -1.06
N PRO A 124 6.30 -13.46 0.21
CA PRO A 124 5.30 -14.43 0.55
C PRO A 124 3.89 -14.21 0.00
N LEU A 125 3.61 -13.01 -0.53
CA LEU A 125 2.27 -12.84 -1.07
C LEU A 125 2.15 -13.29 -2.56
N ALA A 126 3.30 -13.61 -3.17
CA ALA A 126 3.33 -13.79 -4.62
C ALA A 126 2.40 -14.86 -5.11
N GLY A 127 2.17 -15.84 -4.25
CA GLY A 127 1.28 -16.87 -4.55
C GLY A 127 -0.16 -16.79 -4.16
N LEU A 128 -0.55 -15.62 -3.63
CA LEU A 128 -1.91 -15.43 -3.17
C LEU A 128 -2.71 -14.86 -4.37
N SER A 129 -2.94 -15.78 -5.34
CA SER A 129 -3.44 -15.37 -6.65
C SER A 129 -4.88 -14.93 -6.59
N ASN A 130 -5.56 -15.27 -5.51
CA ASN A 130 -6.93 -14.84 -5.40
C ASN A 130 -7.11 -13.49 -4.68
N LEU A 131 -6.02 -12.88 -4.33
CA LEU A 131 -6.13 -11.57 -3.67
C LEU A 131 -6.84 -10.51 -4.52
N GLN A 132 -7.79 -9.79 -3.91
CA GLN A 132 -8.56 -8.69 -4.52
C GLN A 132 -8.35 -7.38 -3.78
N VAL A 133 -8.18 -7.49 -2.48
CA VAL A 133 -8.00 -6.27 -1.64
C VAL A 133 -6.75 -6.46 -0.76
N LEU A 134 -5.83 -5.52 -0.83
CA LEU A 134 -4.58 -5.64 -0.09
C LEU A 134 -4.17 -4.29 0.51
N TYR A 135 -3.93 -4.34 1.80
CA TYR A 135 -3.36 -3.18 2.50
C TYR A 135 -1.94 -3.52 2.95
N LEU A 136 -1.00 -2.67 2.56
CA LEU A 136 0.39 -2.77 3.00
C LEU A 136 0.71 -1.40 3.58
N ASP A 137 -0.26 -0.47 3.83
CA ASP A 137 0.20 0.79 4.43
C ASP A 137 1.24 0.69 5.69
N LEU A 138 2.12 1.67 5.83
CA LEU A 138 2.85 1.87 7.13
C LEU A 138 3.78 0.70 7.45
N ASN A 139 4.45 0.26 6.41
CA ASN A 139 5.54 -0.75 6.44
C ASN A 139 6.69 -0.26 5.58
N GLN A 140 7.92 -0.55 5.99
CA GLN A 140 9.10 -0.15 5.24
C GLN A 140 9.30 -1.14 4.11
N ILE A 141 8.40 -1.09 3.16
CA ILE A 141 8.47 -1.95 1.99
C ILE A 141 9.01 -1.07 0.86
N THR A 142 10.02 -1.56 0.19
CA THR A 142 10.67 -0.78 -0.88
C THR A 142 10.48 -1.35 -2.28
N ASN A 143 10.00 -2.58 -2.34
CA ASN A 143 9.88 -3.34 -3.58
C ASN A 143 8.56 -4.08 -3.61
N ILE A 144 7.76 -3.87 -4.65
CA ILE A 144 6.50 -4.54 -4.73
C ILE A 144 6.47 -5.52 -5.91
N SER A 145 7.65 -5.90 -6.39
CA SER A 145 7.73 -6.92 -7.42
C SER A 145 6.89 -8.18 -7.19
N PRO A 146 6.85 -8.72 -5.98
CA PRO A 146 6.04 -9.88 -5.73
C PRO A 146 4.54 -9.68 -5.98
N LEU A 147 4.07 -8.45 -6.13
CA LEU A 147 2.64 -8.28 -6.44
C LEU A 147 2.30 -8.51 -7.92
N ALA A 148 3.29 -8.66 -8.77
CA ALA A 148 3.05 -8.57 -10.20
C ALA A 148 2.12 -9.60 -10.74
N GLY A 149 2.06 -10.77 -10.09
CA GLY A 149 1.23 -11.84 -10.52
C GLY A 149 -0.10 -11.82 -9.87
N LEU A 150 -0.42 -10.75 -9.10
CA LEU A 150 -1.72 -10.74 -8.38
C LEU A 150 -2.83 -10.21 -9.27
N THR A 151 -3.14 -10.98 -10.32
CA THR A 151 -4.02 -10.44 -11.37
C THR A 151 -5.51 -10.23 -11.04
N ASN A 152 -5.97 -10.64 -9.90
CA ASN A 152 -7.25 -10.37 -9.42
C ASN A 152 -7.31 -9.13 -8.56
N LEU A 153 -6.18 -8.48 -8.36
CA LEU A 153 -6.19 -7.36 -7.45
C LEU A 153 -7.08 -6.21 -7.93
N GLN A 154 -7.93 -5.71 -7.04
CA GLN A 154 -8.86 -4.66 -7.37
C GLN A 154 -8.60 -3.39 -6.54
N TYR A 155 -8.15 -3.60 -5.32
CA TYR A 155 -7.99 -2.49 -4.35
C TYR A 155 -6.62 -2.69 -3.72
N LEU A 156 -5.70 -1.76 -3.92
CA LEU A 156 -4.35 -1.82 -3.38
C LEU A 156 -4.00 -0.54 -2.62
N SER A 157 -3.63 -0.68 -1.38
CA SER A 157 -3.26 0.42 -0.54
C SER A 157 -1.85 0.15 -0.06
N ILE A 158 -0.98 1.12 -0.28
CA ILE A 158 0.41 1.03 0.05
C ILE A 158 0.90 2.40 0.55
N GLY A 159 0.04 3.17 1.14
CA GLY A 159 0.42 4.47 1.62
C GLY A 159 1.51 4.40 2.67
N ASN A 160 2.35 5.39 2.71
CA ASN A 160 3.34 5.53 3.79
C ASN A 160 4.30 4.38 3.88
N ALA A 161 4.83 4.01 2.73
CA ALA A 161 5.82 2.96 2.65
C ALA A 161 7.01 3.62 1.98
N GLN A 162 7.81 2.81 1.26
CA GLN A 162 9.00 3.28 0.62
C GLN A 162 9.02 2.85 -0.87
N VAL A 163 7.83 2.80 -1.47
CA VAL A 163 7.70 2.32 -2.84
C VAL A 163 8.13 3.39 -3.86
N SER A 164 8.82 2.94 -4.88
CA SER A 164 9.22 3.81 -5.99
C SER A 164 8.71 3.25 -7.30
N ASP A 165 9.20 2.09 -7.66
CA ASP A 165 8.89 1.43 -8.91
C ASP A 165 7.51 0.81 -8.98
N LEU A 166 6.68 1.32 -9.89
CA LEU A 166 5.33 0.81 -10.02
C LEU A 166 5.22 -0.17 -11.18
N THR A 167 6.34 -0.53 -11.79
CA THR A 167 6.27 -1.49 -12.92
C THR A 167 5.53 -2.76 -12.54
N PRO A 168 5.67 -3.25 -11.30
CA PRO A 168 4.93 -4.45 -10.92
C PRO A 168 3.40 -4.35 -11.02
N LEU A 169 2.83 -3.15 -11.12
CA LEU A 169 1.38 -2.97 -11.23
C LEU A 169 0.88 -3.05 -12.64
N ALA A 170 1.78 -3.11 -13.63
CA ALA A 170 1.41 -2.92 -15.04
C ALA A 170 0.36 -3.91 -15.51
N ASN A 171 0.40 -5.14 -15.03
CA ASN A 171 -0.56 -6.11 -15.48
C ASN A 171 -1.72 -6.41 -14.57
N LEU A 172 -1.92 -5.53 -13.60
CA LEU A 172 -3.03 -5.69 -12.66
C LEU A 172 -4.30 -5.01 -13.18
N SER A 173 -4.86 -5.58 -14.23
CA SER A 173 -5.84 -4.90 -15.02
C SER A 173 -7.12 -4.67 -14.31
N LYS A 174 -7.41 -5.42 -13.26
CA LYS A 174 -8.62 -5.24 -12.54
C LYS A 174 -8.51 -4.12 -11.48
N LEU A 175 -7.36 -3.49 -11.34
CA LEU A 175 -7.23 -2.47 -10.31
C LEU A 175 -8.15 -1.32 -10.53
N THR A 176 -8.91 -0.98 -9.49
CA THR A 176 -9.77 0.15 -9.55
C THR A 176 -9.42 1.23 -8.55
N THR A 177 -8.90 0.85 -7.40
CA THR A 177 -8.51 1.81 -6.37
C THR A 177 -7.03 1.57 -6.02
N LEU A 178 -6.22 2.60 -6.22
CA LEU A 178 -4.82 2.58 -5.81
C LEU A 178 -4.53 3.70 -4.86
N LYS A 179 -4.15 3.35 -3.64
CA LYS A 179 -3.81 4.32 -2.63
C LYS A 179 -2.31 4.24 -2.34
N ALA A 180 -1.56 5.29 -2.70
CA ALA A 180 -0.09 5.30 -2.58
C ALA A 180 0.52 6.64 -2.21
N ASP A 181 -0.20 7.37 -1.38
CA ASP A 181 0.33 8.60 -0.85
C ASP A 181 1.60 8.35 -0.05
N ASP A 182 2.46 9.38 0.03
CA ASP A 182 3.65 9.34 0.88
C ASP A 182 4.58 8.18 0.62
N ASN A 183 4.98 8.00 -0.65
CA ASN A 183 5.98 6.98 -0.97
C ASN A 183 7.13 7.74 -1.66
N LYS A 184 7.86 7.08 -2.53
CA LYS A 184 8.96 7.62 -3.29
C LYS A 184 8.77 7.46 -4.79
N ILE A 185 7.52 7.55 -5.19
CA ILE A 185 7.16 7.33 -6.57
C ILE A 185 7.56 8.60 -7.44
N SER A 186 8.34 8.37 -8.47
CA SER A 186 8.73 9.46 -9.33
C SER A 186 8.16 9.32 -10.73
N ASP A 187 7.92 8.11 -11.17
CA ASP A 187 7.52 7.83 -12.54
C ASP A 187 6.25 7.02 -12.44
N ILE A 188 5.15 7.46 -13.07
CA ILE A 188 3.90 6.72 -13.01
C ILE A 188 3.49 6.15 -14.36
N SER A 189 4.46 6.00 -15.24
CA SER A 189 4.24 5.44 -16.53
C SER A 189 3.51 4.11 -16.55
N PRO A 190 3.80 3.21 -15.61
CA PRO A 190 3.12 1.92 -15.60
C PRO A 190 1.64 2.00 -15.40
N LEU A 191 1.15 3.09 -14.75
CA LEU A 191 -0.31 3.23 -14.54
C LEU A 191 -1.10 3.32 -15.83
N ALA A 192 -0.40 3.64 -16.93
CA ALA A 192 -1.10 3.80 -18.24
C ALA A 192 -1.80 2.53 -18.67
N SER A 193 -1.28 1.41 -18.26
CA SER A 193 -1.87 0.16 -18.72
C SER A 193 -3.02 -0.33 -17.83
N LEU A 194 -3.51 0.50 -16.90
CA LEU A 194 -4.57 0.09 -16.00
C LEU A 194 -5.87 0.81 -16.33
N PRO A 195 -6.67 0.20 -17.19
CA PRO A 195 -7.76 0.97 -17.75
C PRO A 195 -8.96 1.11 -16.86
N ASN A 196 -9.03 0.37 -15.79
CA ASN A 196 -10.15 0.47 -14.89
C ASN A 196 -9.97 1.34 -13.66
N LEU A 197 -8.85 2.04 -13.54
CA LEU A 197 -8.54 2.77 -12.36
C LEU A 197 -9.63 3.84 -12.14
N ILE A 198 -10.23 3.85 -10.95
CA ILE A 198 -11.27 4.82 -10.59
C ILE A 198 -10.73 5.87 -9.67
N GLU A 199 -9.91 5.44 -8.72
CA GLU A 199 -9.36 6.27 -7.69
C GLU A 199 -7.85 5.99 -7.53
N VAL A 200 -7.08 7.03 -7.57
CA VAL A 200 -5.64 6.97 -7.48
C VAL A 200 -5.18 8.08 -6.56
N HIS A 201 -4.51 7.70 -5.49
CA HIS A 201 -4.01 8.66 -4.50
C HIS A 201 -2.48 8.66 -4.57
N LEU A 202 -1.92 9.79 -4.92
CA LEU A 202 -0.47 9.91 -5.14
C LEU A 202 0.10 11.18 -4.51
N LYS A 203 -0.62 11.73 -3.55
CA LYS A 203 -0.15 12.92 -2.84
C LYS A 203 1.20 12.64 -2.20
N ASN A 204 2.04 13.66 -2.12
CA ASN A 204 3.30 13.56 -1.41
C ASN A 204 4.27 12.51 -1.93
N ASN A 205 4.45 12.42 -3.25
CA ASN A 205 5.46 11.58 -3.85
C ASN A 205 6.47 12.49 -4.60
N GLN A 206 7.03 12.01 -5.69
CA GLN A 206 8.08 12.77 -6.39
C GLN A 206 7.74 12.84 -7.86
N ILE A 207 6.44 12.93 -8.16
CA ILE A 207 5.93 12.82 -9.53
C ILE A 207 6.01 14.14 -10.31
N SER A 208 6.61 14.09 -11.46
CA SER A 208 6.80 15.27 -12.30
C SER A 208 5.89 15.24 -13.52
N ASP A 209 5.57 14.05 -14.01
CA ASP A 209 4.81 13.89 -15.25
C ASP A 209 3.53 13.04 -14.94
N VAL A 210 2.37 13.68 -15.08
CA VAL A 210 1.09 13.02 -14.89
C VAL A 210 0.37 12.60 -16.16
N SER A 211 1.04 12.74 -17.30
CA SER A 211 0.49 12.31 -18.57
C SER A 211 0.13 10.82 -18.65
N PRO A 212 0.77 9.91 -17.90
CA PRO A 212 0.30 8.50 -17.96
C PRO A 212 -1.16 8.24 -17.55
N LEU A 213 -1.80 9.21 -16.96
CA LEU A 213 -3.17 9.04 -16.49
C LEU A 213 -4.17 9.71 -17.41
N ALA A 214 -3.67 10.29 -18.48
CA ALA A 214 -4.50 11.11 -19.39
C ALA A 214 -5.55 10.31 -20.15
N ASN A 215 -5.24 9.07 -20.40
CA ASN A 215 -6.15 8.20 -21.08
C ASN A 215 -6.92 7.19 -20.28
N THR A 216 -6.87 7.29 -18.98
CA THR A 216 -7.60 6.42 -18.10
C THR A 216 -9.07 6.85 -18.06
N SER A 217 -9.94 6.13 -18.75
CA SER A 217 -11.33 6.55 -18.96
C SER A 217 -12.23 6.34 -17.76
N ASN A 218 -11.82 5.50 -16.77
CA ASN A 218 -12.67 5.31 -15.58
C ASN A 218 -12.20 6.08 -14.38
N LEU A 219 -11.35 7.07 -14.59
CA LEU A 219 -10.65 7.76 -13.50
C LEU A 219 -11.42 8.94 -13.01
N PHE A 220 -11.83 8.90 -11.72
CA PHE A 220 -12.65 9.94 -11.17
C PHE A 220 -12.07 10.65 -9.97
N ILE A 221 -11.18 10.03 -9.22
CA ILE A 221 -10.55 10.63 -8.06
C ILE A 221 -9.05 10.44 -8.24
N VAL A 222 -8.30 11.55 -8.17
CA VAL A 222 -6.84 11.52 -8.34
C VAL A 222 -6.20 12.62 -7.53
N THR A 223 -5.36 12.28 -6.56
CA THR A 223 -4.72 13.26 -5.74
C THR A 223 -3.21 13.37 -6.09
N LEU A 224 -2.73 14.60 -6.25
CA LEU A 224 -1.41 14.85 -6.84
C LEU A 224 -0.68 16.05 -6.22
N THR A 225 -1.14 16.52 -5.09
CA THR A 225 -0.48 17.63 -4.46
C THR A 225 0.81 17.29 -3.70
N ASN A 226 1.61 18.33 -3.54
CA ASN A 226 2.80 18.26 -2.75
C ASN A 226 3.86 17.26 -3.19
N GLN A 227 4.18 17.28 -4.48
CA GLN A 227 5.24 16.45 -5.01
C GLN A 227 6.56 17.14 -4.70
N THR A 228 7.55 16.34 -4.39
CA THR A 228 8.91 16.81 -4.06
C THR A 228 9.88 16.21 -5.04
N ILE A 229 10.25 17.01 -6.05
CA ILE A 229 11.09 16.50 -7.13
C ILE A 229 12.52 16.97 -7.01
N THR A 230 13.42 16.01 -7.05
CA THR A 230 14.83 16.33 -7.16
C THR A 230 15.46 15.87 -8.45
N ASN A 231 15.99 16.82 -9.20
CA ASN A 231 16.58 16.51 -10.47
C ASN A 231 17.98 16.02 -10.28
N GLN A 232 18.51 15.39 -11.31
CA GLN A 232 19.94 14.99 -11.31
C GLN A 232 20.75 16.29 -11.45
N PRO A 233 21.95 16.30 -10.87
CA PRO A 233 22.83 17.47 -10.95
C PRO A 233 23.25 17.90 -12.34
N VAL A 234 23.40 19.21 -12.48
CA VAL A 234 23.93 19.83 -13.70
C VAL A 234 25.04 20.79 -13.27
N PHE A 235 25.82 21.24 -14.25
CA PHE A 235 26.94 22.14 -13.95
C PHE A 235 26.46 23.54 -13.65
N TYR A 236 27.02 24.10 -12.62
CA TYR A 236 26.86 25.51 -12.32
C TYR A 236 27.58 26.34 -13.37
N ASN A 237 26.93 27.40 -13.83
CA ASN A 237 27.54 28.37 -14.73
C ASN A 237 26.67 29.59 -14.82
N ASN A 238 27.20 30.64 -15.44
CA ASN A 238 26.53 31.91 -15.46
C ASN A 238 25.14 31.84 -16.09
N ASN A 239 25.10 31.36 -17.35
CA ASN A 239 23.88 31.25 -18.15
C ASN A 239 23.35 29.84 -17.95
N LEU A 240 22.50 29.66 -16.95
CA LEU A 240 22.05 28.33 -16.61
C LEU A 240 20.68 28.06 -17.25
N VAL A 241 20.61 27.06 -18.11
CA VAL A 241 19.39 26.75 -18.83
C VAL A 241 18.99 25.30 -18.51
N VAL A 242 17.79 25.12 -17.98
CA VAL A 242 17.37 23.84 -17.49
C VAL A 242 15.99 23.50 -17.95
N PRO A 243 15.84 22.38 -18.68
CA PRO A 243 14.51 21.99 -19.10
C PRO A 243 13.60 21.69 -17.92
N ASN A 244 12.32 22.00 -18.09
CA ASN A 244 11.30 21.89 -17.05
C ASN A 244 10.72 20.47 -17.18
N VAL A 245 10.99 19.64 -16.19
CA VAL A 245 10.53 18.22 -16.20
C VAL A 245 9.04 18.01 -15.82
N VAL A 246 8.39 19.05 -15.36
CA VAL A 246 7.02 18.99 -14.87
C VAL A 246 6.05 19.10 -16.06
N LYS A 247 5.35 18.01 -16.34
CA LYS A 247 4.38 17.87 -17.40
C LYS A 247 2.96 17.56 -16.92
N GLY A 248 1.96 18.18 -17.59
CA GLY A 248 0.58 18.00 -17.34
C GLY A 248 0.06 16.84 -18.16
N PRO A 249 -1.25 16.63 -18.06
CA PRO A 249 -1.89 15.47 -18.66
C PRO A 249 -1.68 15.34 -20.14
N SER A 250 -1.59 16.47 -20.83
CA SER A 250 -1.29 16.47 -22.27
C SER A 250 0.15 16.16 -22.57
N GLY A 251 1.01 16.12 -21.56
CA GLY A 251 2.44 15.97 -21.81
C GLY A 251 3.23 17.30 -21.99
N ALA A 252 2.56 18.46 -22.09
CA ALA A 252 3.24 19.71 -22.26
C ALA A 252 3.66 20.14 -20.89
N PRO A 253 4.74 20.92 -20.80
CA PRO A 253 5.29 21.37 -19.54
C PRO A 253 4.33 22.31 -18.80
N ILE A 254 4.41 22.27 -17.50
CA ILE A 254 3.61 23.12 -16.64
C ILE A 254 4.42 24.31 -16.26
N ALA A 255 3.89 25.51 -16.52
CA ALA A 255 4.62 26.71 -16.16
C ALA A 255 4.82 26.81 -14.68
N PRO A 256 6.03 27.13 -14.21
CA PRO A 256 6.28 27.35 -12.78
C PRO A 256 5.40 28.47 -12.19
N ALA A 257 5.04 28.31 -10.94
CA ALA A 257 4.32 29.35 -10.18
C ALA A 257 5.32 30.34 -9.60
N THR A 258 6.44 29.83 -9.07
CA THR A 258 7.52 30.68 -8.56
C THR A 258 8.84 30.10 -8.96
N ILE A 259 9.86 30.94 -9.12
CA ILE A 259 11.19 30.46 -9.45
C ILE A 259 12.24 31.10 -8.58
N SER A 260 13.15 30.33 -8.02
CA SER A 260 14.17 30.86 -7.18
C SER A 260 15.18 31.73 -7.91
N ASP A 261 15.94 32.44 -7.11
CA ASP A 261 17.05 33.19 -7.62
C ASP A 261 16.80 34.07 -8.85
N ASN A 262 15.60 34.70 -8.94
CA ASN A 262 15.26 35.65 -9.99
C ASN A 262 15.26 34.95 -11.37
N GLY A 263 15.15 33.64 -11.39
CA GLY A 263 15.06 32.93 -12.68
C GLY A 263 13.82 33.19 -13.51
N THR A 264 13.86 32.84 -14.81
CA THR A 264 12.77 33.12 -15.71
C THR A 264 12.44 31.82 -16.40
N TYR A 265 11.30 31.83 -17.11
CA TYR A 265 10.87 30.66 -17.82
C TYR A 265 10.45 31.01 -19.23
N ALA A 266 10.85 30.15 -20.17
CA ALA A 266 10.39 30.18 -21.54
C ALA A 266 10.25 28.74 -21.95
N SER A 267 9.02 28.23 -21.90
CA SER A 267 8.80 26.81 -22.17
C SER A 267 9.65 26.31 -23.34
N PRO A 268 10.41 25.23 -23.17
CA PRO A 268 10.43 24.37 -21.98
C PRO A 268 11.50 24.58 -20.92
N ASN A 269 12.18 25.72 -20.95
CA ASN A 269 13.32 25.94 -20.10
C ASN A 269 13.23 27.07 -19.05
N LEU A 270 13.76 26.74 -17.89
CA LEU A 270 14.03 27.77 -16.89
C LEU A 270 15.43 28.30 -17.21
N THR A 271 15.65 29.59 -16.96
CA THR A 271 16.96 30.19 -17.08
C THR A 271 17.26 31.02 -15.83
N TRP A 272 18.44 30.82 -15.32
CA TRP A 272 18.96 31.63 -14.16
C TRP A 272 20.27 32.30 -14.66
N ASN A 273 20.57 33.48 -14.15
CA ASN A 273 21.79 34.21 -14.49
C ASN A 273 22.50 34.35 -13.13
N LEU A 274 23.41 33.45 -12.84
CA LEU A 274 24.03 33.35 -11.53
C LEU A 274 25.45 33.88 -11.57
N THR A 275 25.96 34.40 -10.46
CA THR A 275 27.36 34.94 -10.53
C THR A 275 28.16 34.33 -9.39
N SER A 276 27.49 33.60 -8.55
CA SER A 276 28.15 32.99 -7.41
C SER A 276 27.61 31.58 -7.26
N PHE A 277 28.41 30.67 -6.71
CA PHE A 277 28.02 29.29 -6.67
C PHE A 277 27.07 29.05 -5.54
N ILE A 278 26.02 28.29 -5.82
CA ILE A 278 25.01 27.96 -4.84
C ILE A 278 24.77 26.46 -5.00
N ASN A 279 24.33 25.79 -3.92
CA ASN A 279 24.08 24.34 -3.88
C ASN A 279 23.05 23.94 -4.94
N ASN A 280 22.05 24.80 -5.11
CA ASN A 280 21.00 24.50 -6.07
C ASN A 280 20.09 25.68 -6.36
N VAL A 281 19.22 25.50 -7.33
CA VAL A 281 18.14 26.42 -7.64
C VAL A 281 16.82 25.62 -7.59
N SER A 282 15.68 26.28 -7.57
CA SER A 282 14.46 25.56 -7.48
C SER A 282 13.31 26.41 -7.96
N TYR A 283 12.16 25.75 -8.13
CA TYR A 283 10.92 26.37 -8.54
C TYR A 283 9.73 25.54 -8.02
N THR A 284 8.59 26.16 -7.98
CA THR A 284 7.35 25.54 -7.58
C THR A 284 6.35 25.56 -8.68
N PHE A 285 5.36 24.68 -8.60
CA PHE A 285 4.23 24.68 -9.55
C PHE A 285 2.97 24.31 -8.80
N ASN A 286 1.85 24.79 -9.29
CA ASN A 286 0.52 24.55 -8.74
C ASN A 286 -0.48 24.92 -9.75
N GLN A 287 -1.04 23.93 -10.47
CA GLN A 287 -1.97 24.14 -11.53
C GLN A 287 -3.10 23.14 -11.51
N SER A 288 -4.29 23.59 -11.87
CA SER A 288 -5.41 22.71 -12.11
C SER A 288 -5.12 21.96 -13.37
N VAL A 289 -5.14 20.64 -13.33
CA VAL A 289 -5.03 19.87 -14.58
C VAL A 289 -6.26 18.99 -14.83
N THR A 290 -6.53 18.75 -16.09
CA THR A 290 -7.72 18.06 -16.57
C THR A 290 -7.46 16.70 -17.20
N PHE A 291 -7.99 15.66 -16.55
CA PHE A 291 -7.83 14.32 -17.05
C PHE A 291 -9.05 13.98 -17.90
N LYS A 292 -9.21 12.71 -18.28
CA LYS A 292 -10.31 12.29 -19.12
C LYS A 292 -11.64 12.74 -18.58
N ASN A 293 -11.90 12.58 -17.31
CA ASN A 293 -13.20 12.89 -16.76
C ASN A 293 -13.25 14.17 -16.05
N THR A 294 -12.33 14.36 -15.08
CA THR A 294 -12.30 15.56 -14.24
C THR A 294 -10.97 16.33 -14.12
N THR A 295 -11.00 17.36 -13.28
CA THR A 295 -9.87 18.29 -13.05
C THR A 295 -9.53 18.37 -11.61
N VAL A 296 -8.23 18.38 -11.31
CA VAL A 296 -7.71 18.45 -9.98
C VAL A 296 -6.42 19.22 -9.91
N PRO A 297 -6.00 19.56 -8.71
CA PRO A 297 -4.72 20.24 -8.50
C PRO A 297 -3.49 19.35 -8.56
N PHE A 298 -2.49 19.84 -9.28
CA PHE A 298 -1.16 19.22 -9.40
C PHE A 298 -0.16 20.28 -8.90
N SER A 299 0.62 19.94 -7.89
CA SER A 299 1.53 20.90 -7.27
C SER A 299 2.73 20.25 -6.71
N GLY A 300 3.80 21.02 -6.59
CA GLY A 300 5.01 20.56 -5.99
C GLY A 300 6.18 21.51 -6.11
N THR A 301 7.35 21.01 -5.72
CA THR A 301 8.58 21.75 -5.79
C THR A 301 9.63 20.97 -6.50
N VAL A 302 10.31 21.62 -7.44
CA VAL A 302 11.44 21.02 -8.08
C VAL A 302 12.77 21.60 -7.62
N THR A 303 13.67 20.77 -7.18
CA THR A 303 15.02 21.24 -6.87
C THR A 303 16.02 20.77 -7.88
N GLN A 304 16.84 21.72 -8.34
CA GLN A 304 17.91 21.42 -9.26
C GLN A 304 19.29 21.55 -8.62
N PRO A 305 19.89 20.44 -8.24
CA PRO A 305 21.25 20.49 -7.69
C PRO A 305 22.23 20.96 -8.68
N LEU A 306 23.22 21.71 -8.19
CA LEU A 306 24.24 22.24 -9.10
C LEU A 306 25.63 21.78 -8.70
N THR A 307 26.46 21.51 -9.70
CA THR A 307 27.80 20.98 -9.50
C THR A 307 28.88 22.00 -9.84
N GLU A 308 29.93 22.07 -9.03
CA GLU A 308 31.11 22.94 -9.28
C GLU A 308 32.33 21.98 -9.44
#